data_9KS5
#
_entry.id   9KS5
#
_cell.length_a   106.48
_cell.length_b   134.99
_cell.length_c   58.0
_cell.angle_alpha   90.0
_cell.angle_beta   90.0
_cell.angle_gamma   90.0
#
_symmetry.space_group_name_H-M   'P 21 21 2'
#
loop_
_entity.id
_entity.type
_entity.pdbx_description
1 polymer 'Tyrosine-protein kinase ABL1'
2 water water
#
_entity_poly.entity_id   1
_entity_poly.type   'polypeptide(L)'
_entity_poly.pdbx_seq_one_letter_code
;SPNYDKWEMERTDITMKHKLGGGQKGEVYEGVWKKYSLTVAV(A1EG1)TLKEDTMEVEEFLKEAAVMKEIKHPNLVQLL
GVCTREPPFYIITEFMTYGNLLDYLRECNRQEVNAVVLLYMATQISSAMEYLEKKNFIHRDLAARNCLVGENHLVKVADF
GLSRLMTGDT(PTR)TAHAGAKFPIKWTAPESLAYNKFSIKSDVWAFGVLLWEIATYGMSPYPGIDLSQVYELLEKDYRM
ERPEGCPEKVYELMRACWQWNPSDRPSFAEIHQAFETMFQES
;
_entity_poly.pdbx_strand_id   A,B
#
# COMPACT_ATOMS: atom_id res chain seq x y z
N ASP A 5 -17.03 3.42 13.37
CA ASP A 5 -18.02 4.01 12.48
C ASP A 5 -19.34 3.26 12.55
N LYS A 6 -20.34 3.81 11.87
CA LYS A 6 -21.65 3.16 11.74
C LYS A 6 -21.55 1.91 10.86
N TRP A 7 -20.48 1.83 10.08
CA TRP A 7 -20.30 0.74 9.13
C TRP A 7 -19.85 -0.58 9.78
N GLU A 8 -19.29 -0.48 10.99
CA GLU A 8 -18.69 -1.64 11.65
C GLU A 8 -19.73 -2.73 11.96
N MET A 9 -19.40 -3.96 11.57
CA MET A 9 -20.24 -5.13 11.86
C MET A 9 -19.54 -6.09 12.79
N GLU A 10 -20.34 -6.81 13.58
CA GLU A 10 -19.82 -7.94 14.34
C GLU A 10 -19.56 -9.10 13.38
N ARG A 11 -18.44 -9.80 13.57
CA ARG A 11 -18.04 -10.90 12.69
C ARG A 11 -19.09 -12.01 12.60
N THR A 12 -19.79 -12.23 13.71
CA THR A 12 -20.77 -13.32 13.81
C THR A 12 -22.12 -12.94 13.20
N ASP A 13 -22.22 -11.75 12.61
CA ASP A 13 -23.44 -11.33 11.92
C ASP A 13 -23.54 -11.99 10.55
N ILE A 14 -22.41 -12.43 10.03
CA ILE A 14 -22.33 -13.06 8.71
C ILE A 14 -21.93 -14.53 8.81
N THR A 15 -22.48 -15.36 7.94
CA THR A 15 -22.02 -16.74 7.81
C THR A 15 -21.65 -16.99 6.35
N MET A 16 -20.54 -17.70 6.13
CA MET A 16 -20.06 -17.98 4.78
C MET A 16 -20.79 -19.18 4.19
N LYS A 17 -21.11 -19.11 2.89
CA LYS A 17 -21.85 -20.18 2.24
C LYS A 17 -21.05 -20.89 1.14
N HIS A 18 -20.55 -20.12 0.17
CA HIS A 18 -19.76 -20.70 -0.92
C HIS A 18 -18.52 -19.87 -1.24
N LYS A 19 -17.46 -20.51 -1.73
CA LYS A 19 -16.31 -19.79 -2.25
C LYS A 19 -16.51 -19.50 -3.73
N LEU A 20 -16.25 -18.25 -4.15
CA LEU A 20 -16.46 -17.84 -5.53
C LEU A 20 -15.15 -17.75 -6.31
N GLY A 21 -14.05 -17.52 -5.62
CA GLY A 21 -12.76 -17.40 -6.27
C GLY A 21 -11.71 -16.66 -5.43
N GLY A 22 -10.46 -16.76 -5.87
CA GLY A 22 -9.37 -16.10 -5.17
C GLY A 22 -8.41 -15.40 -6.11
N GLN A 24 -3.55 -14.21 -5.54
CA GLN A 24 -4.95 -14.05 -5.16
C GLN A 24 -5.17 -12.80 -4.31
N LYS A 25 -4.21 -12.56 -3.40
CA LYS A 25 -4.28 -11.44 -2.45
C LYS A 25 -5.51 -11.48 -1.54
N GLY A 26 -6.26 -12.57 -1.61
CA GLY A 26 -7.47 -12.69 -0.83
C GLY A 26 -8.53 -13.55 -1.52
N GLU A 27 -9.65 -13.75 -0.85
CA GLU A 27 -10.71 -14.61 -1.36
C GLU A 27 -12.04 -13.86 -1.37
N VAL A 28 -12.95 -14.27 -2.26
CA VAL A 28 -14.29 -13.72 -2.30
C VAL A 28 -15.31 -14.81 -2.03
N TYR A 29 -16.17 -14.58 -1.04
CA TYR A 29 -17.19 -15.57 -0.66
C TYR A 29 -18.61 -15.05 -0.91
N GLU A 30 -19.50 -15.97 -1.25
CA GLU A 30 -20.93 -15.73 -1.15
C GLU A 30 -21.39 -16.08 0.27
N GLY A 31 -21.94 -15.10 0.98
CA GLY A 31 -22.37 -15.28 2.36
C GLY A 31 -23.78 -14.82 2.66
N VAL A 32 -24.18 -14.93 3.92
CA VAL A 32 -25.52 -14.55 4.37
C VAL A 32 -25.50 -13.61 5.58
N TRP A 33 -26.13 -12.45 5.44
CA TRP A 33 -26.37 -11.55 6.55
C TRP A 33 -27.62 -12.05 7.27
N LYS A 34 -27.41 -12.61 8.46
CA LYS A 34 -28.38 -13.48 9.12
C LYS A 34 -29.67 -12.81 9.57
N LYS A 35 -29.55 -11.61 10.14
CA LYS A 35 -30.73 -10.91 10.65
C LYS A 35 -31.71 -10.55 9.53
N TYR A 36 -31.18 -10.31 8.33
CA TYR A 36 -32.00 -9.91 7.20
C TYR A 36 -32.23 -11.04 6.19
N SER A 37 -31.67 -12.21 6.49
CA SER A 37 -31.70 -13.36 5.59
C SER A 37 -31.23 -12.96 4.19
N LEU A 38 -30.19 -12.14 4.12
CA LEU A 38 -29.82 -11.55 2.85
C LEU A 38 -28.49 -12.08 2.28
N THR A 39 -28.49 -12.50 1.02
CA THR A 39 -27.25 -12.95 0.39
C THR A 39 -26.34 -11.75 0.05
N VAL A 40 -25.08 -11.84 0.47
CA VAL A 40 -24.10 -10.76 0.28
C VAL A 40 -22.76 -11.30 -0.24
N ALA A 41 -21.88 -10.40 -0.70
CA ALA A 41 -20.52 -10.79 -1.07
C ALA A 41 -19.52 -10.35 0.00
N VAL A 42 -18.51 -11.18 0.26
CA VAL A 42 -17.52 -10.89 1.31
C VAL A 42 -16.10 -11.02 0.77
N A1EG1 A 43 -15.35 -9.93 0.82
CA A1EG1 A 43 -13.94 -9.97 0.42
C11 A1EG1 A 43 -14.53 -12.13 -8.26
C A1EG1 A 43 -13.04 -10.01 1.64
O A1EG1 A 43 -13.18 -9.20 2.55
CB A1EG1 A 43 -13.58 -8.76 -0.46
CG A1EG1 A 43 -12.23 -8.89 -1.15
CD A1EG1 A 43 -11.91 -7.68 -2.02
CE A1EG1 A 43 -10.63 -7.87 -2.81
NZ A1EG1 A 43 -10.76 -8.97 -3.82
C10 A1EG1 A 43 -15.76 -12.80 -7.66
N12 A1EG1 A 43 -13.60 -13.08 -8.63
C13 A1EG1 A 43 -12.54 -12.51 -8.99
C15 A1EG1 A 43 -12.04 -10.58 -7.20
C17 A1EG1 A 43 -11.36 -8.77 -5.20
C20 A1EG1 A 43 -9.92 -10.22 -4.01
C22 A1EG1 A 43 -10.45 -10.98 -5.20
C24 A1EG1 A 43 -10.91 -12.92 -6.94
C26 A1EG1 A 43 -15.45 -14.56 -9.14
C28 A1EG1 A 43 -20.01 -12.78 -8.13
C01 A1EG1 A 43 -18.38 -20.29 -8.78
C02 A1EG1 A 43 -18.45 -19.21 -9.29
C03 A1EG1 A 43 -18.49 -17.87 -9.99
N04 A1EG1 A 43 -19.86 -17.53 -10.28
C05 A1EG1 A 43 -20.50 -16.26 -10.01
C06 A1EG1 A 43 -19.81 -15.04 -9.35
N07 A1EG1 A 43 -18.38 -14.91 -9.29
C08 A1EG1 A 43 -17.75 -13.75 -8.66
N09 A1EG1 A 43 -16.32 -13.62 -8.61
C14 A1EG1 A 43 -11.82 -12.00 -7.72
C16 A1EG1 A 43 -11.34 -10.09 -5.92
O18 A1EG1 A 43 -10.31 -7.98 -5.61
N21 A1EG1 A 43 -9.08 -10.70 -3.10
C23 A1EG1 A 43 -10.21 -12.42 -5.70
C25 A1EG1 A 43 -14.12 -13.95 -9.59
N27 A1EG1 A 43 -18.59 -12.68 -8.08
N29 A1EG1 A 43 -20.86 -11.75 -7.57
C30 A1EG1 A 43 -20.44 -10.59 -6.82
N31 A1EG1 A 43 -21.32 -9.72 -6.30
N32 A1EG1 A 43 -20.63 -8.72 -5.64
C33 A1EG1 A 43 -19.31 -8.98 -5.76
C34 A1EG1 A 43 -18.22 -8.08 -5.13
C35 A1EG1 A 43 -16.88 -8.74 -4.85
C36 A1EG1 A 43 -17.01 -7.74 -5.99
C37 A1EG1 A 43 -19.17 -10.15 -6.49
C38 A1EG1 A 43 -20.64 -13.97 -8.76
O39 A1EG1 A 43 -21.65 -16.15 -10.34
N THR A 44 -12.12 -10.98 1.65
CA THR A 44 -11.23 -11.20 2.79
C THR A 44 -9.79 -10.83 2.44
N LEU A 45 -8.99 -10.54 3.46
CA LEU A 45 -7.57 -10.24 3.25
C LEU A 45 -6.71 -11.47 3.57
N LYS A 46 -5.98 -11.96 2.57
CA LYS A 46 -5.09 -13.09 2.78
C LYS A 46 -3.80 -12.66 3.49
N GLU A 47 -3.42 -13.42 4.51
CA GLU A 47 -2.23 -13.11 5.29
C GLU A 47 -1.09 -14.07 4.95
N ASP A 48 0.03 -13.53 4.46
CA ASP A 48 0.19 -12.10 4.28
C ASP A 48 0.52 -11.75 2.83
N THR A 49 -0.44 -11.12 2.15
CA THR A 49 -0.26 -10.71 0.76
C THR A 49 -0.24 -9.18 0.65
N MET A 50 -1.41 -8.58 0.53
CA MET A 50 -1.54 -7.13 0.48
C MET A 50 -1.44 -6.52 1.88
N GLU A 51 -0.75 -5.39 2.00
CA GLU A 51 -0.56 -4.72 3.27
C GLU A 51 -1.90 -4.27 3.87
N VAL A 52 -1.99 -4.23 5.20
CA VAL A 52 -3.27 -4.02 5.87
C VAL A 52 -3.86 -2.60 5.74
N GLU A 53 -3.02 -1.59 5.95
CA GLU A 53 -3.47 -0.20 5.90
C GLU A 53 -4.07 0.12 4.52
N GLU A 54 -3.51 -0.51 3.50
CA GLU A 54 -4.00 -0.39 2.13
C GLU A 54 -5.44 -0.90 2.00
N PHE A 55 -5.67 -2.11 2.48
CA PHE A 55 -7.00 -2.74 2.50
C PHE A 55 -8.02 -1.84 3.23
N LEU A 56 -7.64 -1.43 4.43
CA LEU A 56 -8.49 -0.55 5.24
C LEU A 56 -8.83 0.76 4.51
N LYS A 57 -7.85 1.30 3.78
CA LYS A 57 -8.11 2.54 3.03
C LYS A 57 -9.09 2.30 1.88
N GLU A 58 -8.98 1.15 1.22
CA GLU A 58 -9.97 0.78 0.20
C GLU A 58 -11.39 0.84 0.79
N ALA A 59 -11.56 0.26 1.96
CA ALA A 59 -12.87 0.33 2.64
C ALA A 59 -13.30 1.78 2.90
N ALA A 60 -12.39 2.57 3.47
CA ALA A 60 -12.66 3.98 3.78
C ALA A 60 -13.20 4.73 2.58
N VAL A 61 -12.52 4.56 1.44
CA VAL A 61 -12.93 5.20 0.21
C VAL A 61 -14.32 4.71 -0.26
N MET A 62 -14.56 3.40 -0.15
CA MET A 62 -15.86 2.87 -0.59
C MET A 62 -17.03 3.42 0.23
N LYS A 63 -16.76 3.82 1.47
CA LYS A 63 -17.80 4.44 2.29
C LYS A 63 -18.44 5.70 1.65
N GLU A 64 -17.69 6.43 0.83
CA GLU A 64 -18.17 7.70 0.27
C GLU A 64 -18.89 7.55 -1.08
N ILE A 65 -19.00 6.32 -1.56
CA ILE A 65 -19.55 6.05 -2.89
C ILE A 65 -21.03 5.67 -2.84
N LYS A 66 -21.85 6.36 -3.63
CA LYS A 66 -23.29 6.09 -3.67
C LYS A 66 -23.88 6.35 -5.07
N HIS A 67 -24.07 5.28 -5.84
CA HIS A 67 -24.53 5.38 -7.23
C HIS A 67 -25.09 4.04 -7.72
N PRO A 68 -26.21 4.07 -8.48
CA PRO A 68 -26.87 2.84 -8.94
C PRO A 68 -26.01 1.91 -9.79
N ASN A 69 -24.94 2.40 -10.40
CA ASN A 69 -24.08 1.53 -11.21
C ASN A 69 -22.65 1.38 -10.66
N LEU A 70 -22.49 1.57 -9.36
CA LEU A 70 -21.25 1.22 -8.66
C LEU A 70 -21.61 0.29 -7.50
N VAL A 71 -20.82 -0.78 -7.32
CA VAL A 71 -21.13 -1.80 -6.34
C VAL A 71 -21.21 -1.22 -4.91
N GLN A 72 -22.33 -1.47 -4.23
CA GLN A 72 -22.62 -0.80 -2.95
C GLN A 72 -22.02 -1.50 -1.73
N LEU A 73 -21.25 -0.74 -0.93
CA LEU A 73 -20.75 -1.22 0.36
C LEU A 73 -21.90 -1.39 1.36
N LEU A 74 -21.84 -2.43 2.18
CA LEU A 74 -22.85 -2.68 3.21
C LEU A 74 -22.29 -2.62 4.64
N GLY A 75 -21.01 -2.98 4.80
CA GLY A 75 -20.40 -2.99 6.12
C GLY A 75 -18.98 -3.53 6.12
N VAL A 76 -18.27 -3.35 7.24
CA VAL A 76 -16.89 -3.82 7.36
C VAL A 76 -16.62 -4.49 8.71
N CYS A 77 -15.58 -5.32 8.76
CA CYS A 77 -15.06 -5.85 10.03
C CYS A 77 -13.58 -5.51 10.14
N THR A 78 -13.26 -4.54 10.99
CA THR A 78 -11.89 -3.98 11.03
C THR A 78 -11.22 -4.04 12.40
N ARG A 79 -11.87 -4.67 13.38
CA ARG A 79 -11.35 -4.70 14.73
C ARG A 79 -10.22 -5.73 14.91
N GLU A 80 -10.37 -6.88 14.28
CA GLU A 80 -9.40 -7.96 14.44
C GLU A 80 -9.33 -8.84 13.19
N PRO A 81 -8.16 -9.45 12.93
CA PRO A 81 -8.01 -10.36 11.79
C PRO A 81 -8.87 -11.61 11.95
N PRO A 82 -9.35 -12.19 10.83
CA PRO A 82 -9.20 -11.66 9.47
C PRO A 82 -10.18 -10.52 9.17
N PHE A 83 -9.77 -9.59 8.32
CA PHE A 83 -10.60 -8.44 8.00
C PHE A 83 -11.56 -8.72 6.84
N TYR A 84 -12.76 -8.16 6.91
CA TYR A 84 -13.80 -8.36 5.89
C TYR A 84 -14.28 -7.05 5.28
N ILE A 85 -14.60 -7.08 3.98
CA ILE A 85 -15.39 -6.02 3.35
C ILE A 85 -16.63 -6.65 2.72
N ILE A 86 -17.81 -6.21 3.17
CA ILE A 86 -19.09 -6.82 2.77
C ILE A 86 -19.87 -5.91 1.80
N THR A 87 -20.20 -6.42 0.61
CA THR A 87 -20.97 -5.65 -0.37
C THR A 87 -22.22 -6.39 -0.85
N GLU A 88 -22.99 -5.73 -1.71
CA GLU A 88 -24.16 -6.35 -2.35
C GLU A 88 -23.69 -7.46 -3.29
N PHE A 89 -24.56 -8.45 -3.51
CA PHE A 89 -24.24 -9.61 -4.35
C PHE A 89 -24.89 -9.49 -5.73
N MET A 90 -24.08 -9.67 -6.78
CA MET A 90 -24.54 -9.65 -8.18
C MET A 90 -24.60 -11.08 -8.74
N THR A 91 -25.80 -11.50 -9.12
CA THR A 91 -26.08 -12.90 -9.47
C THR A 91 -25.27 -13.51 -10.61
N TYR A 92 -25.04 -12.74 -11.68
CA TYR A 92 -24.51 -13.31 -12.93
C TYR A 92 -22.99 -13.17 -13.17
N GLY A 93 -22.24 -12.77 -12.14
CA GLY A 93 -20.78 -12.70 -12.26
C GLY A 93 -20.25 -11.61 -13.20
N ASN A 94 -19.01 -11.78 -13.68
CA ASN A 94 -18.35 -10.73 -14.45
C ASN A 94 -18.85 -10.64 -15.90
N LEU A 95 -18.77 -9.44 -16.46
CA LEU A 95 -19.34 -9.13 -17.78
C LEU A 95 -18.66 -9.84 -18.97
N LEU A 96 -17.36 -10.13 -18.84
CA LEU A 96 -16.62 -10.77 -19.92
C LEU A 96 -17.15 -12.18 -20.21
N ASP A 97 -17.21 -13.02 -19.17
CA ASP A 97 -17.76 -14.36 -19.31
C ASP A 97 -19.24 -14.32 -19.72
N TYR A 98 -19.97 -13.35 -19.16
CA TYR A 98 -21.38 -13.15 -19.49
C TYR A 98 -21.59 -12.92 -21.00
N LEU A 99 -20.83 -12.00 -21.58
CA LEU A 99 -20.90 -11.74 -23.01
C LEU A 99 -20.48 -12.96 -23.83
N ARG A 100 -19.42 -13.63 -23.40
CA ARG A 100 -18.94 -14.80 -24.15
C ARG A 100 -19.98 -15.93 -24.20
N GLU A 101 -20.78 -16.07 -23.14
CA GLU A 101 -21.67 -17.23 -23.01
C GLU A 101 -23.16 -16.98 -23.29
N CYS A 102 -23.52 -15.77 -23.71
CA CYS A 102 -24.94 -15.38 -23.80
C CYS A 102 -25.67 -15.84 -25.06
N ASN A 103 -27.00 -15.80 -24.99
CA ASN A 103 -27.89 -15.88 -26.16
C ASN A 103 -27.92 -14.52 -26.85
N ARG A 104 -27.27 -14.42 -28.02
CA ARG A 104 -27.14 -13.13 -28.70
C ARG A 104 -28.46 -12.60 -29.28
N GLN A 105 -29.48 -13.46 -29.41
CA GLN A 105 -30.80 -12.97 -29.84
C GLN A 105 -31.46 -12.20 -28.69
N GLU A 106 -31.14 -12.56 -27.46
CA GLU A 106 -31.63 -11.82 -26.30
C GLU A 106 -30.73 -10.60 -25.99
N VAL A 107 -29.42 -10.84 -25.92
CA VAL A 107 -28.44 -9.77 -25.69
C VAL A 107 -28.08 -9.12 -27.03
N ASN A 108 -28.99 -8.30 -27.56
CA ASN A 108 -28.84 -7.72 -28.89
C ASN A 108 -28.36 -6.25 -28.86
N ALA A 109 -28.42 -5.58 -30.01
CA ALA A 109 -27.82 -4.25 -30.17
C ALA A 109 -28.29 -3.21 -29.14
N VAL A 110 -29.60 -3.18 -28.89
CA VAL A 110 -30.15 -2.21 -27.95
C VAL A 110 -29.66 -2.51 -26.51
N VAL A 111 -29.47 -3.79 -26.21
CA VAL A 111 -28.91 -4.19 -24.91
C VAL A 111 -27.44 -3.74 -24.78
N LEU A 112 -26.66 -3.87 -25.86
CA LEU A 112 -25.27 -3.41 -25.83
C LEU A 112 -25.20 -1.90 -25.56
N LEU A 113 -26.09 -1.15 -26.23
CA LEU A 113 -26.18 0.29 -25.95
C LEU A 113 -26.54 0.59 -24.48
N TYR A 114 -27.50 -0.17 -23.95
CA TYR A 114 -27.93 -0.02 -22.55
C TYR A 114 -26.76 -0.22 -21.56
N MET A 115 -25.97 -1.27 -21.82
CA MET A 115 -24.79 -1.56 -21.01
C MET A 115 -23.75 -0.42 -21.02
N ALA A 116 -23.45 0.08 -22.22
CA ALA A 116 -22.53 1.22 -22.33
C ALA A 116 -23.04 2.47 -21.59
N THR A 117 -24.35 2.73 -21.70
CA THR A 117 -24.95 3.87 -21.02
C THR A 117 -24.79 3.76 -19.49
N GLN A 118 -25.02 2.57 -18.95
CA GLN A 118 -24.87 2.35 -17.51
C GLN A 118 -23.42 2.60 -17.03
N ILE A 119 -22.48 1.96 -17.72
CA ILE A 119 -21.07 2.12 -17.32
C ILE A 119 -20.60 3.59 -17.39
N SER A 120 -21.00 4.29 -18.46
CA SER A 120 -20.57 5.67 -18.61
C SER A 120 -21.24 6.57 -17.55
N SER A 121 -22.43 6.19 -17.10
CA SER A 121 -23.07 6.93 -16.00
C SER A 121 -22.21 6.84 -14.72
N ALA A 122 -21.77 5.62 -14.41
CA ALA A 122 -20.86 5.45 -13.26
C ALA A 122 -19.56 6.28 -13.39
N MET A 123 -18.95 6.25 -14.56
CA MET A 123 -17.70 6.99 -14.75
C MET A 123 -17.90 8.53 -14.70
N GLU A 124 -19.06 9.01 -15.17
CA GLU A 124 -19.38 10.44 -15.04
C GLU A 124 -19.48 10.82 -13.56
N TYR A 125 -20.08 9.93 -12.76
CA TYR A 125 -20.13 10.16 -11.31
C TYR A 125 -18.74 10.25 -10.69
N LEU A 126 -17.85 9.29 -10.98
CA LEU A 126 -16.49 9.37 -10.42
C LEU A 126 -15.76 10.64 -10.90
N GLU A 127 -16.00 11.03 -12.15
CA GLU A 127 -15.41 12.24 -12.71
C GLU A 127 -15.80 13.47 -11.89
N LYS A 128 -17.08 13.58 -11.55
CA LYS A 128 -17.53 14.71 -10.74
C LYS A 128 -16.98 14.70 -9.30
N LYS A 129 -16.73 13.51 -8.75
CA LYS A 129 -16.33 13.39 -7.34
C LYS A 129 -14.82 13.32 -7.09
N ASN A 130 -14.03 13.58 -8.14
CA ASN A 130 -12.57 13.57 -8.05
C ASN A 130 -11.98 12.20 -7.66
N PHE A 131 -12.42 11.15 -8.35
CA PHE A 131 -11.85 9.81 -8.22
C PHE A 131 -11.37 9.29 -9.57
N ILE A 132 -10.37 8.41 -9.59
CA ILE A 132 -10.03 7.62 -10.79
C ILE A 132 -10.14 6.12 -10.47
N HIS A 133 -10.29 5.30 -11.51
CA HIS A 133 -10.48 3.85 -11.33
C HIS A 133 -9.19 3.06 -11.55
N ARG A 134 -8.53 3.28 -12.69
CA ARG A 134 -7.21 2.73 -13.04
C ARG A 134 -7.18 1.27 -13.52
N ASP A 135 -8.30 0.55 -13.48
CA ASP A 135 -8.34 -0.79 -14.08
C ASP A 135 -9.71 -1.11 -14.68
N LEU A 136 -10.18 -0.20 -15.53
CA LEU A 136 -11.45 -0.37 -16.21
C LEU A 136 -11.32 -1.40 -17.34
N ALA A 137 -12.20 -2.39 -17.33
CA ALA A 137 -12.14 -3.53 -18.24
C ALA A 137 -13.40 -4.37 -18.00
N ALA A 138 -13.79 -5.19 -18.97
CA ALA A 138 -15.01 -5.98 -18.82
C ALA A 138 -14.92 -7.00 -17.67
N ARG A 139 -13.71 -7.50 -17.40
CA ARG A 139 -13.50 -8.46 -16.31
C ARG A 139 -13.84 -7.85 -14.95
N ASN A 140 -13.85 -6.52 -14.86
CA ASN A 140 -14.09 -5.82 -13.61
C ASN A 140 -15.45 -5.12 -13.56
N CYS A 141 -16.37 -5.55 -14.41
CA CYS A 141 -17.78 -5.16 -14.29
C CYS A 141 -18.61 -6.39 -13.92
N LEU A 142 -19.68 -6.17 -13.16
CA LEU A 142 -20.56 -7.25 -12.70
C LEU A 142 -21.97 -7.10 -13.26
N VAL A 143 -22.65 -8.23 -13.46
CA VAL A 143 -23.99 -8.26 -14.06
C VAL A 143 -25.05 -8.83 -13.12
N GLY A 144 -26.24 -8.20 -13.11
CA GLY A 144 -27.38 -8.67 -12.35
C GLY A 144 -28.54 -9.03 -13.27
N GLU A 145 -29.73 -9.26 -12.70
CA GLU A 145 -30.93 -9.55 -13.49
C GLU A 145 -31.29 -8.43 -14.47
N ASN A 146 -31.85 -8.80 -15.61
CA ASN A 146 -32.36 -7.87 -16.61
C ASN A 146 -31.29 -6.91 -17.16
N HIS A 147 -30.07 -7.44 -17.30
CA HIS A 147 -28.95 -6.75 -17.92
C HIS A 147 -28.46 -5.53 -17.13
N LEU A 148 -28.76 -5.50 -15.84
CA LEU A 148 -28.19 -4.50 -14.94
C LEU A 148 -26.67 -4.69 -14.85
N VAL A 149 -25.92 -3.58 -15.01
CA VAL A 149 -24.46 -3.62 -14.92
C VAL A 149 -23.92 -2.66 -13.85
N LYS A 150 -22.95 -3.12 -13.05
CA LYS A 150 -22.29 -2.24 -12.08
C LYS A 150 -20.76 -2.38 -12.13
N VAL A 151 -20.04 -1.27 -11.90
CA VAL A 151 -18.58 -1.29 -11.88
C VAL A 151 -18.01 -1.60 -10.48
N ALA A 152 -17.08 -2.55 -10.40
CA ALA A 152 -16.41 -2.87 -9.14
C ALA A 152 -15.44 -1.74 -8.78
N ASP A 153 -15.34 -1.41 -7.49
CA ASP A 153 -14.60 -0.22 -7.10
C ASP A 153 -13.69 -0.37 -5.88
N PHE A 154 -12.95 -1.48 -5.82
CA PHE A 154 -12.00 -1.70 -4.74
C PHE A 154 -10.70 -0.91 -4.93
N GLY A 155 -10.41 -0.51 -6.17
CA GLY A 155 -9.15 0.16 -6.45
C GLY A 155 -9.18 1.66 -6.68
N LEU A 156 -10.24 2.33 -6.23
CA LEU A 156 -10.36 3.77 -6.45
C LEU A 156 -9.25 4.57 -5.78
N SER A 157 -8.82 5.63 -6.42
CA SER A 157 -7.85 6.55 -5.82
C SER A 157 -8.39 7.97 -5.82
N ARG A 158 -8.04 8.73 -4.78
CA ARG A 158 -8.41 10.13 -4.69
C ARG A 158 -7.46 10.97 -5.55
N LEU A 159 -8.04 11.79 -6.42
CA LEU A 159 -7.27 12.64 -7.32
C LEU A 159 -8.17 13.72 -7.88
N MET A 160 -7.80 14.98 -7.62
CA MET A 160 -8.55 16.12 -8.15
C MET A 160 -8.63 16.06 -9.67
N THR A 161 -9.83 16.29 -10.20
CA THR A 161 -10.05 16.36 -11.64
C THR A 161 -9.63 17.73 -12.19
N GLY A 162 -8.55 17.77 -12.98
CA GLY A 162 -7.81 16.59 -13.37
C GLY A 162 -6.31 16.76 -13.21
N ASP A 163 -5.79 16.30 -12.07
CA ASP A 163 -4.35 16.23 -11.85
C ASP A 163 -3.82 14.89 -12.35
N THR A 164 -2.58 14.58 -12.00
CA THR A 164 -1.92 13.35 -12.45
C THR A 164 -1.35 12.54 -11.28
N PTR A 165 -1.64 11.24 -11.27
CA PTR A 165 -1.06 10.29 -10.31
C PTR A 165 0.08 9.49 -10.94
O PTR A 165 0.03 9.19 -12.14
CB PTR A 165 -2.13 9.34 -9.74
CG PTR A 165 -1.63 7.97 -9.30
CD1 PTR A 165 -1.71 6.89 -10.16
CD2 PTR A 165 -1.12 7.75 -8.02
CE1 PTR A 165 -1.27 5.64 -9.78
CE2 PTR A 165 -0.67 6.49 -7.64
CZ PTR A 165 -0.75 5.43 -8.51
OH PTR A 165 -0.34 4.22 -8.22
P PTR A 165 0.00 3.67 -6.74
O1P PTR A 165 -0.04 2.19 -6.83
O2P PTR A 165 -1.05 4.15 -5.72
O3P PTR A 165 1.40 4.10 -6.30
N THR A 166 1.25 9.50 -10.31
CA THR A 166 2.41 8.76 -10.82
C THR A 166 2.56 7.41 -10.11
N ALA A 167 2.41 6.32 -10.85
CA ALA A 167 2.42 4.98 -10.26
C ALA A 167 3.79 4.59 -9.69
N HIS A 168 3.82 3.63 -8.78
CA HIS A 168 5.06 3.26 -8.11
C HIS A 168 6.04 2.59 -9.06
N ALA A 169 7.33 2.76 -8.80
CA ALA A 169 8.38 2.15 -9.61
C ALA A 169 8.27 0.63 -9.59
N GLY A 170 8.29 0.02 -10.77
CA GLY A 170 8.24 -1.43 -10.89
C GLY A 170 6.85 -1.99 -11.14
N ALA A 171 5.84 -1.11 -11.19
CA ALA A 171 4.47 -1.56 -11.40
C ALA A 171 4.28 -2.18 -12.78
N LYS A 172 3.43 -3.20 -12.86
CA LYS A 172 3.09 -3.86 -14.11
C LYS A 172 1.64 -3.56 -14.49
N PHE A 173 1.42 -3.19 -15.76
CA PHE A 173 0.10 -2.80 -16.24
C PHE A 173 -0.51 -3.88 -17.15
N PRO A 174 -1.85 -3.87 -17.29
CA PRO A 174 -2.53 -4.62 -18.36
C PRO A 174 -2.38 -3.87 -19.67
N ILE A 175 -1.37 -4.25 -20.45
CA ILE A 175 -0.85 -3.43 -21.55
C ILE A 175 -1.91 -3.01 -22.57
N LYS A 176 -2.77 -3.94 -22.97
CA LYS A 176 -3.71 -3.64 -24.06
C LYS A 176 -4.88 -2.74 -23.64
N TRP A 177 -5.00 -2.43 -22.35
CA TRP A 177 -6.01 -1.49 -21.87
C TRP A 177 -5.40 -0.14 -21.42
N THR A 178 -4.08 -0.02 -21.52
CA THR A 178 -3.35 1.09 -20.88
C THR A 178 -2.96 2.22 -21.84
N ALA A 179 -3.23 3.47 -21.42
CA ALA A 179 -2.96 4.66 -22.24
C ALA A 179 -1.45 4.88 -22.45
N PRO A 180 -1.08 5.50 -23.59
CA PRO A 180 0.35 5.68 -23.93
C PRO A 180 1.18 6.45 -22.88
N GLU A 181 0.61 7.49 -22.27
CA GLU A 181 1.34 8.26 -21.25
C GLU A 181 1.57 7.43 -19.98
N SER A 182 0.67 6.48 -19.73
CA SER A 182 0.84 5.55 -18.61
C SER A 182 1.93 4.52 -18.92
N LEU A 183 1.93 4.00 -20.14
CA LEU A 183 2.94 3.05 -20.59
C LEU A 183 4.35 3.66 -20.62
N ALA A 184 4.46 4.93 -21.00
CA ALA A 184 5.78 5.54 -21.15
C ALA A 184 6.28 6.24 -19.88
N TYR A 185 5.38 6.84 -19.10
CA TYR A 185 5.83 7.64 -17.96
C TYR A 185 5.16 7.31 -16.62
N ASN A 186 4.38 6.22 -16.59
CA ASN A 186 3.64 5.81 -15.38
C ASN A 186 2.65 6.88 -14.90
N LYS A 187 2.15 7.70 -15.81
CA LYS A 187 1.21 8.78 -15.47
C LYS A 187 -0.24 8.38 -15.75
N PHE A 188 -1.12 8.62 -14.77
CA PHE A 188 -2.55 8.27 -14.86
C PHE A 188 -3.44 9.48 -14.54
N SER A 189 -4.57 9.60 -15.23
CA SER A 189 -5.56 10.61 -14.92
C SER A 189 -6.95 10.15 -15.37
N ILE A 190 -7.97 11.00 -15.23
CA ILE A 190 -9.30 10.65 -15.70
C ILE A 190 -9.30 10.38 -17.23
N LYS A 191 -8.38 11.00 -17.95
CA LYS A 191 -8.26 10.78 -19.41
C LYS A 191 -7.70 9.39 -19.76
N SER A 192 -6.86 8.82 -18.91
CA SER A 192 -6.41 7.45 -19.15
C SER A 192 -7.56 6.45 -18.88
N ASP A 193 -8.44 6.81 -17.93
CA ASP A 193 -9.69 6.08 -17.74
C ASP A 193 -10.57 6.17 -18.99
N VAL A 194 -10.57 7.32 -19.67
CA VAL A 194 -11.32 7.45 -20.92
C VAL A 194 -10.76 6.52 -22.02
N TRP A 195 -9.43 6.49 -22.16
CA TRP A 195 -8.79 5.55 -23.09
C TRP A 195 -9.25 4.09 -22.84
N ALA A 196 -9.10 3.67 -21.58
CA ALA A 196 -9.49 2.30 -21.21
C ALA A 196 -10.98 2.04 -21.48
N PHE A 197 -11.82 3.06 -21.29
CA PHE A 197 -13.25 2.93 -21.60
C PHE A 197 -13.44 2.62 -23.09
N GLY A 198 -12.68 3.28 -23.95
CA GLY A 198 -12.72 2.95 -25.38
C GLY A 198 -12.44 1.47 -25.64
N VAL A 199 -11.41 0.95 -24.96
CA VAL A 199 -11.12 -0.48 -25.13
C VAL A 199 -12.29 -1.36 -24.63
N LEU A 200 -12.93 -0.96 -23.54
CA LEU A 200 -14.09 -1.70 -23.01
C LEU A 200 -15.26 -1.72 -24.00
N LEU A 201 -15.49 -0.58 -24.67
CA LEU A 201 -16.52 -0.51 -25.72
C LEU A 201 -16.21 -1.52 -26.82
N TRP A 202 -14.93 -1.63 -27.19
CA TRP A 202 -14.55 -2.64 -28.18
C TRP A 202 -14.82 -4.08 -27.69
N GLU A 203 -14.54 -4.35 -26.41
CA GLU A 203 -14.88 -5.64 -25.82
C GLU A 203 -16.38 -5.95 -25.92
N ILE A 204 -17.20 -4.93 -25.66
CA ILE A 204 -18.65 -5.13 -25.71
C ILE A 204 -19.14 -5.38 -27.14
N ALA A 205 -18.61 -4.64 -28.10
CA ALA A 205 -19.00 -4.80 -29.50
C ALA A 205 -18.65 -6.17 -30.09
N THR A 206 -17.60 -6.81 -29.58
CA THR A 206 -17.18 -8.11 -30.12
C THR A 206 -17.67 -9.29 -29.26
N TYR A 207 -18.53 -9.01 -28.29
CA TYR A 207 -19.00 -10.01 -27.32
C TYR A 207 -17.82 -10.71 -26.62
N GLY A 208 -16.80 -9.92 -26.26
CA GLY A 208 -15.74 -10.39 -25.41
C GLY A 208 -14.51 -11.01 -26.07
N MET A 209 -14.17 -10.56 -27.28
CA MET A 209 -12.91 -10.96 -27.90
C MET A 209 -11.73 -10.29 -27.18
N SER A 210 -10.55 -10.90 -27.28
CA SER A 210 -9.33 -10.28 -26.75
C SER A 210 -8.82 -9.20 -27.70
N PRO A 211 -8.50 -8.02 -27.17
CA PRO A 211 -8.07 -6.87 -27.99
C PRO A 211 -6.71 -7.08 -28.68
N TYR A 212 -6.45 -6.32 -29.74
CA TYR A 212 -5.26 -6.45 -30.61
C TYR A 212 -4.85 -7.90 -30.84
N PRO A 213 -5.74 -8.71 -31.45
CA PRO A 213 -5.48 -10.16 -31.52
C PRO A 213 -4.17 -10.53 -32.20
N GLY A 214 -3.39 -11.38 -31.53
CA GLY A 214 -2.15 -11.89 -32.09
C GLY A 214 -0.96 -10.95 -32.04
N ILE A 215 -1.19 -9.70 -31.65
CA ILE A 215 -0.13 -8.69 -31.66
C ILE A 215 0.76 -8.77 -30.41
N ASP A 216 2.05 -8.93 -30.63
CA ASP A 216 3.04 -9.02 -29.56
C ASP A 216 3.00 -7.81 -28.63
N LEU A 217 2.89 -8.08 -27.32
CA LEU A 217 2.75 -7.03 -26.32
C LEU A 217 3.85 -5.96 -26.38
N SER A 218 5.09 -6.41 -26.52
CA SER A 218 6.23 -5.50 -26.49
C SER A 218 6.31 -4.57 -27.72
N GLN A 219 5.38 -4.69 -28.65
CA GLN A 219 5.34 -3.77 -29.79
C GLN A 219 4.11 -2.85 -29.76
N VAL A 220 3.20 -3.07 -28.81
CA VAL A 220 1.96 -2.30 -28.77
C VAL A 220 2.22 -0.79 -28.75
N TYR A 221 3.04 -0.33 -27.81
CA TYR A 221 3.37 1.09 -27.71
C TYR A 221 3.89 1.63 -29.04
N GLU A 222 4.80 0.89 -29.68
CA GLU A 222 5.42 1.41 -30.89
C GLU A 222 4.40 1.56 -32.01
N LEU A 223 3.36 0.73 -31.99
CA LEU A 223 2.31 0.87 -32.99
C LEU A 223 1.45 2.10 -32.69
N LEU A 224 1.14 2.32 -31.41
CA LEU A 224 0.26 3.44 -31.05
C LEU A 224 0.90 4.78 -31.43
N GLU A 225 2.22 4.88 -31.23
CA GLU A 225 3.00 6.04 -31.68
C GLU A 225 2.78 6.39 -33.15
N LYS A 226 2.63 5.37 -33.99
CA LYS A 226 2.56 5.59 -35.43
C LYS A 226 1.12 5.65 -35.94
N ASP A 227 0.18 5.82 -34.99
CA ASP A 227 -1.25 5.97 -35.26
C ASP A 227 -1.95 4.69 -35.75
N TYR A 228 -1.48 3.53 -35.30
CA TYR A 228 -2.27 2.31 -35.48
C TYR A 228 -3.36 2.25 -34.41
N ARG A 229 -4.57 1.84 -34.80
CA ARG A 229 -5.67 1.58 -33.86
C ARG A 229 -6.46 0.35 -34.34
N MET A 230 -7.15 -0.32 -33.42
CA MET A 230 -8.01 -1.46 -33.79
C MET A 230 -9.06 -1.05 -34.81
N GLU A 231 -9.42 -1.97 -35.70
CA GLU A 231 -10.39 -1.70 -36.74
C GLU A 231 -11.83 -1.81 -36.23
N ARG A 232 -12.77 -1.24 -36.98
CA ARG A 232 -14.18 -1.30 -36.65
C ARG A 232 -14.70 -2.73 -36.68
N PRO A 233 -15.28 -3.19 -35.56
CA PRO A 233 -15.78 -4.57 -35.44
C PRO A 233 -16.99 -4.83 -36.34
N GLU A 234 -17.16 -6.09 -36.75
CA GLU A 234 -18.32 -6.50 -37.52
C GLU A 234 -19.61 -6.18 -36.76
N GLY A 235 -20.53 -5.47 -37.43
CA GLY A 235 -21.81 -5.14 -36.83
C GLY A 235 -21.85 -3.90 -35.95
N CYS A 236 -20.70 -3.24 -35.77
CA CYS A 236 -20.63 -2.05 -34.92
C CYS A 236 -21.08 -0.78 -35.65
N PRO A 237 -22.03 -0.03 -35.06
CA PRO A 237 -22.52 1.22 -35.63
C PRO A 237 -21.41 2.27 -35.79
N GLU A 238 -21.51 3.11 -36.82
CA GLU A 238 -20.43 4.04 -37.15
C GLU A 238 -20.19 5.11 -36.08
N LYS A 239 -21.28 5.61 -35.48
CA LYS A 239 -21.17 6.63 -34.43
C LYS A 239 -20.46 6.09 -33.19
N VAL A 240 -20.72 4.82 -32.88
CA VAL A 240 -20.08 4.18 -31.73
C VAL A 240 -18.58 4.03 -31.98
N TYR A 241 -18.20 3.59 -33.18
CA TYR A 241 -16.80 3.49 -33.55
C TYR A 241 -16.09 4.85 -33.51
N GLU A 242 -16.79 5.89 -33.99
CA GLU A 242 -16.24 7.25 -33.91
C GLU A 242 -15.99 7.67 -32.46
N LEU A 243 -16.88 7.26 -31.56
CA LEU A 243 -16.67 7.48 -30.13
C LEU A 243 -15.43 6.74 -29.61
N MET A 244 -15.28 5.47 -30.01
CA MET A 244 -14.08 4.69 -29.69
C MET A 244 -12.81 5.45 -30.07
N ARG A 245 -12.75 5.84 -31.34
CA ARG A 245 -11.57 6.51 -31.89
C ARG A 245 -11.30 7.83 -31.18
N ALA A 246 -12.37 8.54 -30.79
CA ALA A 246 -12.20 9.77 -30.00
C ALA A 246 -11.57 9.47 -28.64
N CYS A 247 -11.94 8.33 -28.04
CA CYS A 247 -11.33 7.93 -26.77
C CYS A 247 -9.84 7.62 -26.89
N TRP A 248 -9.38 7.29 -28.11
CA TRP A 248 -8.00 6.86 -28.32
C TRP A 248 -7.11 7.93 -28.96
N GLN A 249 -7.43 9.22 -28.78
CA GLN A 249 -6.56 10.30 -29.28
C GLN A 249 -5.24 10.29 -28.51
N TRP A 250 -4.14 10.58 -29.19
CA TRP A 250 -2.81 10.51 -28.56
C TRP A 250 -2.70 11.48 -27.39
N ASN A 251 -3.10 12.74 -27.62
CA ASN A 251 -3.06 13.78 -26.59
C ASN A 251 -4.25 13.68 -25.63
N PRO A 252 -3.98 13.46 -24.33
CA PRO A 252 -5.03 13.28 -23.31
C PRO A 252 -6.10 14.37 -23.30
N SER A 253 -5.70 15.62 -23.52
CA SER A 253 -6.63 16.74 -23.47
C SER A 253 -7.57 16.80 -24.68
N ASP A 254 -7.24 16.06 -25.74
CA ASP A 254 -8.13 15.98 -26.91
C ASP A 254 -9.25 14.93 -26.73
N ARG A 255 -9.15 14.10 -25.70
CA ARG A 255 -10.17 13.07 -25.45
C ARG A 255 -11.39 13.68 -24.75
N PRO A 256 -12.61 13.22 -25.11
CA PRO A 256 -13.85 13.75 -24.51
C PRO A 256 -14.00 13.43 -23.03
N SER A 257 -14.83 14.18 -22.31
CA SER A 257 -15.12 13.90 -20.90
C SER A 257 -16.18 12.82 -20.76
N PHE A 258 -16.35 12.28 -19.56
CA PHE A 258 -17.34 11.23 -19.36
C PHE A 258 -18.78 11.79 -19.41
N ALA A 259 -18.96 13.08 -19.08
CA ALA A 259 -20.29 13.70 -19.18
C ALA A 259 -20.77 13.74 -20.64
N GLU A 260 -19.86 14.06 -21.56
CA GLU A 260 -20.15 14.09 -22.99
C GLU A 260 -20.46 12.69 -23.53
N ILE A 261 -19.62 11.73 -23.16
CA ILE A 261 -19.78 10.34 -23.58
C ILE A 261 -21.14 9.79 -23.13
N HIS A 262 -21.49 10.05 -21.87
CA HIS A 262 -22.77 9.57 -21.34
C HIS A 262 -23.95 10.25 -22.02
N GLN A 263 -23.82 11.55 -22.29
CA GLN A 263 -24.87 12.25 -23.06
C GLN A 263 -25.11 11.57 -24.41
N ALA A 264 -24.03 11.28 -25.12
CA ALA A 264 -24.13 10.64 -26.44
C ALA A 264 -24.79 9.27 -26.37
N PHE A 265 -24.36 8.43 -25.44
CA PHE A 265 -24.98 7.11 -25.35
C PHE A 265 -26.45 7.17 -24.90
N GLU A 266 -26.77 8.07 -23.98
CA GLU A 266 -28.15 8.26 -23.56
C GLU A 266 -29.04 8.62 -24.76
N THR A 267 -28.57 9.53 -25.60
CA THR A 267 -29.33 9.91 -26.78
C THR A 267 -29.52 8.73 -27.75
N MET A 268 -28.44 8.00 -28.00
CA MET A 268 -28.54 6.82 -28.88
C MET A 268 -29.50 5.75 -28.34
N PHE A 269 -29.42 5.47 -27.05
CA PHE A 269 -30.28 4.48 -26.41
C PHE A 269 -31.75 4.91 -26.49
N GLN A 270 -32.02 6.16 -26.13
CA GLN A 270 -33.39 6.65 -26.14
C GLN A 270 -33.95 6.78 -27.55
N GLU A 271 -33.08 6.87 -28.55
CA GLU A 271 -33.56 6.99 -29.93
C GLU A 271 -33.76 5.63 -30.62
N SER A 272 -33.33 4.55 -29.98
CA SER A 272 -33.44 3.23 -30.59
C SER A 272 -34.65 2.46 -30.06
N ASP B 5 15.13 -24.28 19.13
CA ASP B 5 15.59 -25.54 18.56
C ASP B 5 15.00 -25.75 17.17
N LYS B 6 13.73 -25.42 17.03
CA LYS B 6 13.04 -25.53 15.74
C LYS B 6 13.54 -24.48 14.76
N TRP B 7 14.24 -23.48 15.27
CA TRP B 7 14.75 -22.39 14.45
C TRP B 7 16.10 -22.72 13.82
N GLU B 8 16.75 -23.76 14.35
CA GLU B 8 18.07 -24.15 13.87
C GLU B 8 18.01 -24.70 12.45
N MET B 9 19.04 -24.43 11.66
CA MET B 9 19.10 -24.94 10.29
C MET B 9 20.54 -25.19 9.85
N GLU B 10 20.70 -25.96 8.78
CA GLU B 10 22.02 -26.26 8.23
C GLU B 10 22.58 -25.06 7.46
N ARG B 11 23.87 -24.78 7.64
CA ARG B 11 24.50 -23.64 7.00
C ARG B 11 24.79 -23.89 5.52
N THR B 12 24.66 -25.14 5.09
CA THR B 12 24.89 -25.53 3.71
C THR B 12 23.73 -25.10 2.81
N ASP B 13 22.58 -24.85 3.43
CA ASP B 13 21.40 -24.40 2.70
C ASP B 13 21.58 -23.00 2.13
N ILE B 14 22.52 -22.25 2.71
CA ILE B 14 22.72 -20.86 2.32
C ILE B 14 23.94 -20.67 1.43
N THR B 15 23.74 -19.96 0.33
CA THR B 15 24.84 -19.55 -0.54
C THR B 15 25.00 -18.04 -0.47
N MET B 16 26.13 -17.59 0.08
CA MET B 16 26.39 -16.16 0.21
C MET B 16 26.61 -15.52 -1.16
N LYS B 17 26.07 -14.32 -1.35
CA LYS B 17 26.16 -13.65 -2.64
C LYS B 17 26.94 -12.34 -2.57
N HIS B 18 26.53 -11.40 -1.73
CA HIS B 18 27.20 -10.11 -1.73
C HIS B 18 27.21 -9.39 -0.38
N LYS B 19 28.36 -8.82 -0.01
CA LYS B 19 28.49 -8.08 1.24
C LYS B 19 27.66 -6.80 1.22
N LEU B 20 26.77 -6.65 2.20
CA LEU B 20 25.89 -5.48 2.26
C LEU B 20 26.38 -4.43 3.27
N GLY B 21 26.97 -4.88 4.37
CA GLY B 21 27.42 -3.97 5.40
C GLY B 21 28.56 -4.54 6.23
N GLY B 22 29.29 -3.65 6.89
CA GLY B 22 30.42 -4.05 7.71
C GLY B 22 30.08 -4.07 9.20
N GLY B 23 31.08 -3.81 10.03
CA GLY B 23 30.88 -3.81 11.47
C GLY B 23 32.10 -4.33 12.21
N GLN B 24 32.31 -3.83 13.42
CA GLN B 24 33.46 -4.23 14.22
C GLN B 24 33.31 -5.67 14.69
N LYS B 25 32.07 -6.13 14.82
CA LYS B 25 31.80 -7.45 15.41
C LYS B 25 31.13 -8.43 14.45
N GLY B 26 30.58 -7.91 13.34
CA GLY B 26 29.89 -8.77 12.39
C GLY B 26 29.58 -8.13 11.05
N GLU B 27 29.10 -8.95 10.12
CA GLU B 27 28.77 -8.48 8.77
C GLU B 27 27.34 -8.87 8.39
N VAL B 28 26.81 -8.20 7.37
CA VAL B 28 25.51 -8.56 6.82
C VAL B 28 25.64 -8.83 5.31
N TYR B 29 25.22 -10.02 4.90
CA TYR B 29 25.31 -10.42 3.50
C TYR B 29 23.95 -10.66 2.87
N GLU B 30 23.87 -10.45 1.55
CA GLU B 30 22.79 -10.97 0.76
C GLU B 30 23.17 -12.39 0.37
N GLY B 31 22.28 -13.33 0.65
CA GLY B 31 22.52 -14.73 0.34
C GLY B 31 21.28 -15.42 -0.21
N VAL B 32 21.40 -16.70 -0.53
CA VAL B 32 20.28 -17.44 -1.10
C VAL B 32 20.03 -18.76 -0.38
N TRP B 33 18.80 -18.91 0.12
CA TRP B 33 18.32 -20.18 0.63
C TRP B 33 17.87 -21.04 -0.56
N LYS B 34 18.66 -22.07 -0.85
CA LYS B 34 18.51 -22.86 -2.07
C LYS B 34 17.25 -23.72 -2.10
N LYS B 35 16.85 -24.24 -0.94
CA LYS B 35 15.72 -25.17 -0.85
C LYS B 35 14.42 -24.54 -1.35
N TYR B 36 14.18 -23.30 -0.97
CA TYR B 36 12.97 -22.59 -1.37
C TYR B 36 13.25 -21.55 -2.44
N SER B 37 14.47 -21.56 -2.97
CA SER B 37 14.93 -20.58 -3.96
C SER B 37 14.59 -19.16 -3.53
N LEU B 38 14.94 -18.83 -2.29
CA LEU B 38 14.54 -17.56 -1.70
C LEU B 38 15.74 -16.70 -1.32
N THR B 39 15.70 -15.42 -1.69
CA THR B 39 16.77 -14.50 -1.30
C THR B 39 16.60 -14.07 0.15
N VAL B 40 17.69 -14.11 0.91
CA VAL B 40 17.64 -13.78 2.34
C VAL B 40 18.79 -12.87 2.77
N ALA B 41 18.64 -12.28 3.95
CA ALA B 41 19.73 -11.52 4.57
C ALA B 41 20.36 -12.33 5.70
N VAL B 42 21.69 -12.32 5.77
CA VAL B 42 22.42 -13.08 6.78
C VAL B 42 23.34 -12.21 7.62
N A1EG1 B 43 23.07 -12.10 8.91
CA A1EG1 B 43 23.97 -11.37 9.80
C11 A1EG1 B 43 23.87 -1.94 6.14
C A1EG1 B 43 24.92 -12.36 10.49
O A1EG1 B 43 24.48 -13.38 11.01
CB A1EG1 B 43 23.19 -10.58 10.85
CG A1EG1 B 43 23.99 -9.49 11.55
CD A1EG1 B 43 23.16 -8.79 12.62
CE A1EG1 B 43 23.88 -7.58 13.20
NZ A1EG1 B 43 23.98 -6.44 12.24
C10 A1EG1 B 43 23.07 -2.03 4.85
N12 A1EG1 B 43 23.04 -1.62 7.21
C13 A1EG1 B 43 23.64 -1.33 8.27
C15 A1EG1 B 43 23.33 -3.08 10.25
C17 A1EG1 B 43 23.30 -5.08 12.22
C20 A1EG1 B 43 25.32 -6.09 11.62
C22 A1EG1 B 43 25.08 -4.94 10.68
C24 A1EG1 B 43 25.43 -3.22 8.70
C26 A1EG1 B 43 21.18 -2.59 6.10
C28 A1EG1 B 43 19.34 -4.58 2.74
C01 A1EG1 B 43 24.83 0.51 -0.98
C02 A1EG1 B 43 24.10 -0.42 -1.19
C03 A1EG1 B 43 23.13 -1.56 -1.47
N04 A1EG1 B 43 22.65 -2.07 -0.21
C05 A1EG1 B 43 21.34 -2.63 -0.09
C06 A1EG1 B 43 20.89 -3.15 1.27
N07 A1EG1 B 43 21.61 -2.73 2.45
C08 A1EG1 B 43 21.21 -3.22 3.77
N09 A1EG1 B 43 21.91 -2.80 4.96
C14 A1EG1 B 43 24.13 -2.55 9.08
C16 A1EG1 B 43 23.85 -4.32 11.05
O18 A1EG1 B 43 23.31 -4.27 13.34
N21 A1EG1 B 43 26.35 -6.90 11.60
C23 A1EG1 B 43 25.92 -4.40 9.49
C25 A1EG1 B 43 22.02 -2.54 7.36
N27 A1EG1 B 43 20.08 -4.13 3.89
N29 A1EG1 B 43 18.23 -5.47 2.88
C30 A1EG1 B 43 17.93 -6.19 4.09
N31 A1EG1 B 43 16.79 -6.90 4.29
N32 A1EG1 B 43 16.83 -7.46 5.56
C33 A1EG1 B 43 17.99 -7.10 6.14
C34 A1EG1 B 43 18.43 -7.53 7.56
C35 A1EG1 B 43 19.41 -6.63 8.29
C36 A1EG1 B 43 17.95 -6.66 8.70
C37 A1EG1 B 43 18.69 -6.32 5.25
C38 A1EG1 B 43 19.74 -4.08 1.40
O39 A1EG1 B 43 20.59 -2.70 -1.05
N THR B 44 26.21 -12.06 10.47
CA THR B 44 27.21 -12.98 11.03
C THR B 44 27.84 -12.45 12.31
N LEU B 45 28.39 -13.35 13.12
CA LEU B 45 29.19 -12.95 14.28
C LEU B 45 30.62 -13.45 14.16
N LYS B 46 31.58 -12.53 14.22
CA LYS B 46 33.00 -12.87 14.17
C LYS B 46 33.41 -13.75 15.35
N GLU B 47 34.42 -14.58 15.14
CA GLU B 47 34.87 -15.50 16.16
C GLU B 47 35.79 -14.84 17.17
N ASP B 48 35.91 -15.46 18.34
CA ASP B 48 36.80 -15.00 19.42
C ASP B 48 36.52 -13.57 19.87
N THR B 49 35.24 -13.26 20.12
CA THR B 49 34.86 -11.96 20.64
C THR B 49 34.23 -12.11 22.03
N MET B 50 33.82 -11.00 22.62
CA MET B 50 33.10 -11.01 23.90
C MET B 50 31.66 -10.55 23.72
N GLU B 51 31.10 -10.83 22.54
CA GLU B 51 29.78 -10.33 22.17
C GLU B 51 28.78 -11.44 21.90
N VAL B 52 29.16 -12.68 22.18
CA VAL B 52 28.33 -13.83 21.88
C VAL B 52 27.01 -13.82 22.65
N GLU B 53 27.07 -13.45 23.93
CA GLU B 53 25.89 -13.42 24.79
C GLU B 53 24.84 -12.45 24.25
N GLU B 54 25.29 -11.25 23.87
CA GLU B 54 24.41 -10.24 23.29
C GLU B 54 23.76 -10.75 22.00
N PHE B 55 24.57 -11.36 21.14
CA PHE B 55 24.11 -11.92 19.88
C PHE B 55 22.97 -12.92 20.12
N LEU B 56 23.24 -13.91 20.97
CA LEU B 56 22.25 -14.93 21.29
C LEU B 56 20.99 -14.34 21.91
N LYS B 57 21.16 -13.31 22.73
CA LYS B 57 20.01 -12.62 23.33
C LYS B 57 19.13 -11.97 22.26
N GLU B 58 19.76 -11.29 21.31
CA GLU B 58 19.04 -10.70 20.18
C GLU B 58 18.25 -11.76 19.41
N ALA B 59 18.89 -12.88 19.11
CA ALA B 59 18.22 -13.98 18.43
C ALA B 59 16.98 -14.46 19.22
N ALA B 60 17.19 -14.68 20.51
CA ALA B 60 16.12 -15.12 21.41
C ALA B 60 14.94 -14.15 21.39
N VAL B 61 15.23 -12.85 21.38
CA VAL B 61 14.17 -11.86 21.28
C VAL B 61 13.44 -11.96 19.94
N MET B 62 14.20 -12.11 18.86
CA MET B 62 13.60 -12.16 17.53
C MET B 62 12.67 -13.37 17.38
N LYS B 63 12.94 -14.44 18.13
CA LYS B 63 12.06 -15.62 18.11
C LYS B 63 10.64 -15.36 18.68
N GLU B 64 10.44 -14.24 19.36
CA GLU B 64 9.14 -13.94 19.97
C GLU B 64 8.39 -12.82 19.26
N ILE B 65 9.02 -12.20 18.26
CA ILE B 65 8.46 -11.05 17.57
C ILE B 65 7.74 -11.45 16.29
N LYS B 66 6.51 -10.97 16.10
CA LYS B 66 5.78 -11.20 14.86
C LYS B 66 4.84 -10.05 14.52
N HIS B 67 5.24 -9.24 13.53
CA HIS B 67 4.44 -8.10 13.06
C HIS B 67 4.84 -7.78 11.62
N PRO B 68 3.84 -7.47 10.77
CA PRO B 68 4.12 -7.21 9.35
C PRO B 68 5.11 -6.07 9.08
N ASN B 69 5.29 -5.15 10.03
CA ASN B 69 6.23 -4.05 9.83
C ASN B 69 7.49 -4.15 10.71
N LEU B 70 7.80 -5.35 11.17
CA LEU B 70 9.06 -5.64 11.83
C LEU B 70 9.79 -6.74 11.06
N VAL B 71 11.09 -6.54 10.83
CA VAL B 71 11.89 -7.51 10.08
C VAL B 71 11.76 -8.92 10.67
N GLN B 72 11.37 -9.87 9.84
CA GLN B 72 11.00 -11.21 10.29
C GLN B 72 12.15 -12.23 10.25
N LEU B 73 12.37 -12.90 11.37
CA LEU B 73 13.35 -13.97 11.47
C LEU B 73 12.91 -15.20 10.68
N LEU B 74 13.86 -15.83 10.00
CA LEU B 74 13.60 -17.06 9.25
C LEU B 74 14.31 -18.26 9.89
N GLY B 75 15.53 -18.04 10.34
CA GLY B 75 16.33 -19.13 10.89
C GLY B 75 17.59 -18.68 11.60
N VAL B 76 18.33 -19.65 12.13
CA VAL B 76 19.49 -19.34 12.95
C VAL B 76 20.53 -20.47 12.90
N CYS B 77 21.80 -20.10 13.00
CA CYS B 77 22.90 -21.06 13.07
C CYS B 77 23.73 -20.86 14.32
N THR B 78 23.35 -21.51 15.41
CA THR B 78 24.05 -21.36 16.69
C THR B 78 24.57 -22.70 17.21
N ARG B 79 25.13 -23.51 16.31
CA ARG B 79 25.73 -24.78 16.69
C ARG B 79 27.25 -24.65 16.77
N GLU B 80 27.84 -24.08 15.73
CA GLU B 80 29.28 -23.86 15.65
C GLU B 80 29.56 -22.51 15.00
N PRO B 81 30.65 -21.85 15.41
CA PRO B 81 31.03 -20.54 14.82
C PRO B 81 31.44 -20.66 13.36
N PRO B 82 31.22 -19.61 12.55
CA PRO B 82 30.58 -18.34 12.93
C PRO B 82 29.07 -18.47 13.08
N PHE B 83 28.48 -17.66 13.95
CA PHE B 83 27.04 -17.72 14.16
C PHE B 83 26.28 -16.87 13.14
N TYR B 84 25.14 -17.38 12.69
CA TYR B 84 24.29 -16.71 11.71
C TYR B 84 22.91 -16.37 12.26
N ILE B 85 22.40 -15.21 11.86
CA ILE B 85 20.98 -14.88 12.02
C ILE B 85 20.40 -14.61 10.63
N ILE B 86 19.42 -15.42 10.24
CA ILE B 86 18.83 -15.34 8.90
C ILE B 86 17.48 -14.62 8.92
N THR B 87 17.31 -13.60 8.08
CA THR B 87 16.05 -12.86 8.00
C THR B 87 15.57 -12.66 6.57
N GLU B 88 14.33 -12.22 6.42
CA GLU B 88 13.76 -11.85 5.11
C GLU B 88 14.56 -10.70 4.48
N PHE B 89 14.43 -10.52 3.18
CA PHE B 89 15.24 -9.55 2.46
C PHE B 89 14.42 -8.39 1.90
N MET B 90 14.81 -7.15 2.22
CA MET B 90 14.15 -5.95 1.72
C MET B 90 14.90 -5.35 0.52
N THR B 91 14.29 -5.41 -0.66
CA THR B 91 15.00 -5.13 -1.92
C THR B 91 15.39 -3.66 -2.19
N TYR B 92 14.80 -2.71 -1.47
CA TYR B 92 15.10 -1.30 -1.75
C TYR B 92 16.05 -0.65 -0.73
N GLY B 93 16.56 -1.41 0.23
CA GLY B 93 17.56 -0.91 1.16
C GLY B 93 17.04 -0.01 2.27
N ASN B 94 17.95 0.74 2.92
CA ASN B 94 17.57 1.58 4.04
C ASN B 94 16.79 2.84 3.63
N LEU B 95 15.91 3.28 4.51
CA LEU B 95 14.95 4.35 4.23
C LEU B 95 15.59 5.71 3.95
N LEU B 96 16.71 6.01 4.61
CA LEU B 96 17.36 7.32 4.47
C LEU B 96 17.85 7.58 3.03
N ASP B 97 18.60 6.63 2.49
CA ASP B 97 19.11 6.73 1.11
C ASP B 97 17.98 6.65 0.08
N TYR B 98 16.96 5.84 0.37
CA TYR B 98 15.79 5.73 -0.50
C TYR B 98 15.10 7.08 -0.62
N LEU B 99 14.92 7.76 0.50
CA LEU B 99 14.32 9.09 0.50
C LEU B 99 15.20 10.08 -0.25
N ARG B 100 16.51 9.97 -0.04
CA ARG B 100 17.45 10.88 -0.70
C ARG B 100 17.48 10.70 -2.22
N GLU B 101 17.10 9.53 -2.71
CA GLU B 101 17.23 9.24 -4.15
C GLU B 101 15.93 9.08 -4.94
N CYS B 102 14.77 9.21 -4.30
CA CYS B 102 13.50 8.89 -4.96
C CYS B 102 12.93 10.00 -5.84
N ASN B 103 12.05 9.60 -6.77
CA ASN B 103 11.21 10.54 -7.51
C ASN B 103 10.10 11.06 -6.60
N ARG B 104 10.11 12.37 -6.36
CA ARG B 104 9.19 12.98 -5.41
C ARG B 104 7.78 13.20 -5.98
N GLN B 105 7.64 12.96 -7.28
CA GLN B 105 6.32 12.98 -7.91
C GLN B 105 5.57 11.68 -7.57
N GLU B 106 6.32 10.59 -7.53
CA GLU B 106 5.80 9.30 -7.07
C GLU B 106 5.69 9.28 -5.54
N VAL B 107 6.81 9.54 -4.87
CA VAL B 107 6.83 9.55 -3.41
C VAL B 107 6.41 10.93 -2.89
N ASN B 108 5.11 11.20 -2.97
CA ASN B 108 4.57 12.51 -2.57
C ASN B 108 4.05 12.50 -1.14
N ALA B 109 3.17 13.44 -0.82
CA ALA B 109 2.71 13.65 0.55
C ALA B 109 1.95 12.45 1.14
N VAL B 110 1.05 11.87 0.34
CA VAL B 110 0.25 10.75 0.81
C VAL B 110 1.13 9.53 1.08
N VAL B 111 2.18 9.34 0.29
CA VAL B 111 3.11 8.22 0.50
C VAL B 111 3.92 8.40 1.81
N LEU B 112 4.28 9.64 2.13
CA LEU B 112 4.98 9.93 3.38
C LEU B 112 4.08 9.65 4.59
N LEU B 113 2.80 10.00 4.44
CA LEU B 113 1.80 9.63 5.46
C LEU B 113 1.70 8.11 5.63
N TYR B 114 1.71 7.40 4.50
CA TYR B 114 1.65 5.93 4.48
C TYR B 114 2.81 5.31 5.27
N MET B 115 4.03 5.80 5.00
CA MET B 115 5.22 5.36 5.71
C MET B 115 5.15 5.60 7.22
N ALA B 116 4.74 6.81 7.59
CA ALA B 116 4.58 7.14 9.00
C ALA B 116 3.58 6.20 9.68
N THR B 117 2.50 5.90 8.97
CA THR B 117 1.47 5.00 9.48
C THR B 117 2.00 3.59 9.74
N GLN B 118 2.76 3.04 8.79
CA GLN B 118 3.37 1.72 8.98
C GLN B 118 4.32 1.66 10.19
N ILE B 119 5.21 2.65 10.28
CA ILE B 119 6.17 2.66 11.40
C ILE B 119 5.47 2.82 12.78
N SER B 120 4.49 3.72 12.86
CA SER B 120 3.75 3.86 14.13
C SER B 120 2.97 2.58 14.47
N SER B 121 2.51 1.85 13.45
CA SER B 121 1.87 0.55 13.71
C SER B 121 2.83 -0.42 14.43
N ALA B 122 4.03 -0.56 13.87
CA ALA B 122 5.03 -1.42 14.53
C ALA B 122 5.29 -0.96 15.97
N MET B 123 5.45 0.35 16.17
CA MET B 123 5.76 0.84 17.52
C MET B 123 4.60 0.66 18.51
N GLU B 124 3.37 0.70 18.03
CA GLU B 124 2.21 0.43 18.90
C GLU B 124 2.25 -1.02 19.35
N TYR B 125 2.56 -1.92 18.41
CA TYR B 125 2.76 -3.32 18.75
C TYR B 125 3.82 -3.47 19.86
N LEU B 126 4.98 -2.84 19.70
CA LEU B 126 6.02 -2.93 20.73
C LEU B 126 5.56 -2.36 22.07
N GLU B 127 4.83 -1.25 22.02
CA GLU B 127 4.30 -0.59 23.22
C GLU B 127 3.40 -1.53 24.03
N LYS B 128 2.48 -2.22 23.37
CA LYS B 128 1.61 -3.15 24.09
C LYS B 128 2.33 -4.39 24.61
N LYS B 129 3.44 -4.77 23.99
CA LYS B 129 4.15 -6.00 24.39
C LYS B 129 5.26 -5.78 25.43
N ASN B 130 5.34 -4.57 25.98
CA ASN B 130 6.37 -4.21 26.97
C ASN B 130 7.81 -4.34 26.45
N PHE B 131 8.02 -3.94 25.21
CA PHE B 131 9.37 -3.82 24.63
C PHE B 131 9.71 -2.35 24.41
N ILE B 132 11.01 -2.07 24.26
CA ILE B 132 11.46 -0.77 23.76
C ILE B 132 12.51 -0.97 22.66
N HIS B 133 12.77 0.10 21.92
CA HIS B 133 13.75 0.10 20.84
C HIS B 133 14.84 1.12 21.12
N ARG B 134 16.10 0.70 21.18
CA ARG B 134 17.16 1.60 21.61
C ARG B 134 17.71 2.50 20.49
N ASP B 135 17.23 2.35 19.26
CA ASP B 135 17.77 3.15 18.16
C ASP B 135 16.78 3.34 17.00
N LEU B 136 15.70 4.04 17.27
CA LEU B 136 14.71 4.34 16.23
C LEU B 136 15.18 5.52 15.38
N ALA B 137 15.34 5.27 14.08
CA ALA B 137 15.88 6.26 13.13
C ALA B 137 15.73 5.76 11.70
N ALA B 138 15.80 6.66 10.72
CA ALA B 138 15.57 6.29 9.32
C ALA B 138 16.64 5.33 8.78
N ARG B 139 17.85 5.42 9.34
CA ARG B 139 18.94 4.54 8.94
C ARG B 139 18.65 3.09 9.31
N ASN B 140 17.79 2.89 10.30
CA ASN B 140 17.46 1.54 10.77
C ASN B 140 16.09 1.07 10.29
N CYS B 141 15.54 1.76 9.30
CA CYS B 141 14.31 1.31 8.65
C CYS B 141 14.61 0.82 7.25
N LEU B 142 13.81 -0.11 6.74
CA LEU B 142 14.05 -0.74 5.44
C LEU B 142 12.83 -0.68 4.53
N VAL B 143 13.08 -0.63 3.22
CA VAL B 143 12.03 -0.44 2.23
C VAL B 143 11.91 -1.62 1.28
N GLY B 144 10.67 -2.00 0.95
CA GLY B 144 10.43 -3.07 0.00
C GLY B 144 9.62 -2.63 -1.21
N GLU B 145 8.97 -3.61 -1.84
CA GLU B 145 8.11 -3.38 -3.01
C GLU B 145 6.89 -2.52 -2.64
N ASN B 146 6.51 -1.62 -3.55
CA ASN B 146 5.31 -0.79 -3.40
C ASN B 146 5.22 0.00 -2.09
N HIS B 147 6.32 0.64 -1.71
CA HIS B 147 6.38 1.56 -0.56
C HIS B 147 6.16 0.88 0.81
N LEU B 148 6.39 -0.43 0.87
CA LEU B 148 6.37 -1.16 2.14
C LEU B 148 7.57 -0.77 3.01
N VAL B 149 7.34 -0.54 4.30
CA VAL B 149 8.40 -0.16 5.22
C VAL B 149 8.43 -1.04 6.47
N LYS B 150 9.61 -1.49 6.89
CA LYS B 150 9.75 -2.28 8.12
C LYS B 150 10.88 -1.75 9.02
N VAL B 151 10.75 -1.99 10.32
CA VAL B 151 11.80 -1.58 11.26
C VAL B 151 12.69 -2.78 11.63
N ALA B 152 14.01 -2.58 11.56
CA ALA B 152 14.95 -3.62 11.98
C ALA B 152 14.88 -3.79 13.49
N ASP B 153 15.12 -4.99 14.00
CA ASP B 153 14.83 -5.25 15.40
C ASP B 153 16.00 -5.82 16.21
N PHE B 154 17.22 -5.58 15.77
CA PHE B 154 18.39 -5.98 16.53
C PHE B 154 18.53 -5.16 17.82
N GLY B 155 17.96 -3.96 17.83
CA GLY B 155 18.03 -3.09 19.00
C GLY B 155 16.84 -3.12 19.95
N LEU B 156 16.18 -4.27 20.06
CA LEU B 156 15.01 -4.41 20.94
C LEU B 156 15.41 -4.87 22.34
N SER B 157 14.78 -4.27 23.35
CA SER B 157 14.98 -4.71 24.74
C SER B 157 13.66 -4.94 25.46
N ARG B 158 13.57 -6.00 26.26
CA ARG B 158 12.37 -6.31 27.00
C ARG B 158 12.39 -5.72 28.41
N LEU B 159 11.27 -5.15 28.84
CA LEU B 159 11.12 -4.64 30.19
C LEU B 159 10.61 -5.75 31.11
N MET B 160 11.46 -6.26 31.99
CA MET B 160 11.08 -7.34 32.90
C MET B 160 10.17 -6.84 34.02
N THR B 161 10.50 -5.66 34.54
CA THR B 161 9.71 -4.96 35.55
C THR B 161 9.70 -3.47 35.21
N GLY B 162 8.69 -2.74 35.67
CA GLY B 162 8.66 -1.29 35.51
C GLY B 162 8.51 -0.83 34.07
N ASP B 163 8.66 0.48 33.84
CA ASP B 163 8.52 1.01 32.49
C ASP B 163 9.80 1.67 31.96
N THR B 164 10.93 1.41 32.63
CA THR B 164 12.20 2.05 32.30
C THR B 164 13.35 1.03 32.16
N PTR B 165 14.20 1.20 31.14
CA PTR B 165 15.36 0.32 30.93
C PTR B 165 16.66 1.13 31.03
O PTR B 165 16.74 2.25 30.52
CB PTR B 165 15.24 -0.38 29.57
CG PTR B 165 16.37 -1.34 29.21
CD1 PTR B 165 16.22 -2.72 29.37
CD2 PTR B 165 17.57 -0.86 28.70
CE1 PTR B 165 17.26 -3.60 29.04
CE2 PTR B 165 18.60 -1.73 28.36
CZ PTR B 165 18.44 -3.09 28.53
OH PTR B 165 19.46 -3.87 28.21
P PTR B 165 19.37 -5.43 27.81
O1P PTR B 165 20.68 -5.79 27.20
O2P PTR B 165 19.14 -6.29 29.06
O3P PTR B 165 18.27 -5.68 26.77
N THR B 166 17.54 0.74 31.95
CA THR B 166 18.84 1.41 32.14
C THR B 166 19.93 0.84 31.23
N ALA B 167 20.53 1.69 30.41
CA ALA B 167 21.58 1.27 29.48
C ALA B 167 22.86 0.87 30.21
N HIS B 168 23.67 0.03 29.55
CA HIS B 168 24.92 -0.43 30.14
C HIS B 168 25.88 0.73 30.41
N ALA B 169 26.77 0.51 31.39
CA ALA B 169 27.61 1.55 31.98
C ALA B 169 28.15 2.60 31.00
N GLY B 170 29.02 2.19 30.10
CA GLY B 170 29.65 3.12 29.19
C GLY B 170 29.05 3.20 27.80
N ALA B 171 27.73 3.38 27.73
CA ALA B 171 27.03 3.40 26.46
C ALA B 171 26.98 4.80 25.84
N LYS B 172 27.23 4.87 24.54
CA LYS B 172 27.12 6.14 23.81
C LYS B 172 25.85 6.15 22.96
N PHE B 173 25.19 7.30 22.90
CA PHE B 173 23.95 7.43 22.13
C PHE B 173 24.08 8.48 21.05
N PRO B 174 23.36 8.28 19.93
CA PRO B 174 23.27 9.31 18.89
C PRO B 174 22.52 10.54 19.42
N ILE B 175 23.27 11.57 19.78
CA ILE B 175 22.76 12.73 20.50
C ILE B 175 21.52 13.37 19.88
N LYS B 176 21.54 13.61 18.58
CA LYS B 176 20.48 14.36 17.93
C LYS B 176 19.15 13.58 17.80
N TRP B 177 19.17 12.27 18.09
CA TRP B 177 17.95 11.45 18.09
C TRP B 177 17.46 11.09 19.50
N THR B 178 18.17 11.54 20.52
CA THR B 178 17.98 11.01 21.88
C THR B 178 17.20 11.96 22.80
N ALA B 179 16.23 11.43 23.53
CA ALA B 179 15.42 12.24 24.45
C ALA B 179 16.26 12.80 25.59
N PRO B 180 15.90 14.01 26.07
CA PRO B 180 16.64 14.70 27.14
C PRO B 180 16.84 13.88 28.41
N GLU B 181 15.82 13.15 28.86
CA GLU B 181 15.96 12.38 30.10
C GLU B 181 16.92 11.20 29.88
N SER B 182 17.06 10.78 28.62
CA SER B 182 17.98 9.71 28.27
C SER B 182 19.41 10.20 28.20
N LEU B 183 19.61 11.41 27.67
CA LEU B 183 20.93 12.04 27.67
C LEU B 183 21.37 12.33 29.10
N ALA B 184 20.41 12.70 29.94
CA ALA B 184 20.70 13.06 31.32
C ALA B 184 20.99 11.84 32.20
N TYR B 185 20.17 10.80 32.10
CA TYR B 185 20.26 9.69 33.07
C TYR B 185 20.54 8.30 32.49
N ASN B 186 20.74 8.22 31.17
CA ASN B 186 20.95 6.93 30.49
C ASN B 186 19.81 5.92 30.69
N LYS B 187 18.58 6.43 30.76
CA LYS B 187 17.41 5.56 30.89
C LYS B 187 16.47 5.73 29.70
N PHE B 188 15.88 4.61 29.26
CA PHE B 188 14.99 4.61 28.10
C PHE B 188 13.60 4.08 28.47
N SER B 189 12.57 4.68 27.87
CA SER B 189 11.20 4.24 28.05
C SER B 189 10.48 4.33 26.72
N ILE B 190 9.21 3.94 26.66
CA ILE B 190 8.48 4.04 25.40
C ILE B 190 8.32 5.53 25.00
N LYS B 191 8.30 6.42 26.00
CA LYS B 191 8.21 7.86 25.74
C LYS B 191 9.46 8.46 25.06
N SER B 192 10.63 7.92 25.38
CA SER B 192 11.86 8.38 24.72
C SER B 192 11.86 7.87 23.27
N ASP B 193 11.22 6.72 23.05
CA ASP B 193 10.94 6.26 21.69
C ASP B 193 9.96 7.19 20.97
N VAL B 194 9.00 7.78 21.70
CA VAL B 194 8.10 8.75 21.07
C VAL B 194 8.88 9.99 20.59
N TRP B 195 9.79 10.48 21.44
CA TRP B 195 10.68 11.59 21.02
C TRP B 195 11.46 11.25 19.74
N ALA B 196 12.17 10.12 19.77
CA ALA B 196 12.91 9.66 18.60
C ALA B 196 12.01 9.59 17.34
N PHE B 197 10.80 9.09 17.51
CA PHE B 197 9.83 9.02 16.41
C PHE B 197 9.55 10.40 15.81
N GLY B 198 9.48 11.43 16.67
CA GLY B 198 9.34 12.80 16.18
C GLY B 198 10.50 13.20 15.27
N VAL B 199 11.71 12.88 15.72
CA VAL B 199 12.89 13.20 14.88
C VAL B 199 12.80 12.47 13.53
N LEU B 200 12.37 11.21 13.56
CA LEU B 200 12.19 10.41 12.34
C LEU B 200 11.15 11.02 11.38
N LEU B 201 10.08 11.58 11.94
CA LEU B 201 9.09 12.30 11.13
C LEU B 201 9.74 13.48 10.41
N TRP B 202 10.61 14.19 11.12
CA TRP B 202 11.34 15.30 10.49
C TRP B 202 12.26 14.80 9.35
N GLU B 203 12.97 13.69 9.57
CA GLU B 203 13.79 13.11 8.51
C GLU B 203 12.94 12.79 7.28
N ILE B 204 11.76 12.21 7.49
CA ILE B 204 10.89 11.85 6.38
C ILE B 204 10.42 13.08 5.61
N ALA B 205 9.99 14.11 6.34
CA ALA B 205 9.41 15.30 5.72
C ALA B 205 10.42 16.11 4.88
N THR B 206 11.71 16.01 5.21
CA THR B 206 12.75 16.74 4.49
C THR B 206 13.42 15.88 3.41
N TYR B 207 12.87 14.69 3.20
CA TYR B 207 13.43 13.71 2.26
C TYR B 207 14.90 13.37 2.58
N GLY B 208 15.18 13.24 3.88
CA GLY B 208 16.45 12.70 4.33
C GLY B 208 17.54 13.69 4.67
N MET B 209 17.17 14.87 5.14
CA MET B 209 18.15 15.84 5.62
C MET B 209 18.63 15.46 7.02
N SER B 210 19.80 15.96 7.39
CA SER B 210 20.38 15.71 8.71
C SER B 210 19.76 16.69 9.73
N PRO B 211 19.33 16.18 10.88
CA PRO B 211 18.69 17.02 11.91
C PRO B 211 19.65 18.01 12.58
N TYR B 212 19.09 19.12 13.06
CA TYR B 212 19.86 20.23 13.65
C TYR B 212 21.13 20.59 12.87
N PRO B 213 20.99 20.88 11.57
CA PRO B 213 22.19 21.08 10.74
C PRO B 213 22.99 22.32 11.16
N GLY B 214 24.27 22.13 11.42
CA GLY B 214 25.17 23.24 11.73
C GLY B 214 25.37 23.52 13.20
N ILE B 215 24.56 22.89 14.05
CA ILE B 215 24.64 23.13 15.49
C ILE B 215 25.66 22.22 16.17
N ASP B 216 26.49 22.79 17.03
CA ASP B 216 27.47 22.03 17.81
C ASP B 216 26.77 21.09 18.80
N LEU B 217 27.16 19.82 18.79
CA LEU B 217 26.58 18.81 19.68
C LEU B 217 26.59 19.25 21.14
N SER B 218 27.70 19.88 21.56
CA SER B 218 27.89 20.27 22.94
C SER B 218 26.83 21.25 23.47
N GLN B 219 26.03 21.80 22.57
CA GLN B 219 25.00 22.77 22.96
C GLN B 219 23.59 22.15 22.99
N VAL B 220 23.42 21.00 22.33
CA VAL B 220 22.08 20.43 22.10
C VAL B 220 21.22 20.36 23.37
N TYR B 221 21.71 19.68 24.39
CA TYR B 221 20.93 19.55 25.63
C TYR B 221 20.47 20.91 26.13
N GLU B 222 21.41 21.85 26.24
CA GLU B 222 21.04 23.14 26.83
C GLU B 222 20.00 23.83 25.95
N LEU B 223 20.18 23.72 24.63
CA LEU B 223 19.25 24.39 23.72
C LEU B 223 17.87 23.81 23.92
N LEU B 224 17.80 22.49 24.09
CA LEU B 224 16.52 21.85 24.29
C LEU B 224 15.90 22.26 25.62
N GLU B 225 16.73 22.45 26.65
CA GLU B 225 16.19 22.75 27.97
C GLU B 225 15.55 24.13 27.95
N LYS B 226 16.06 25.01 27.09
CA LYS B 226 15.57 26.38 26.99
C LYS B 226 14.62 26.56 25.79
N ASP B 227 13.98 25.45 25.41
CA ASP B 227 12.82 25.40 24.53
C ASP B 227 13.06 25.57 23.01
N TYR B 228 14.31 25.44 22.57
CA TYR B 228 14.59 25.39 21.13
C TYR B 228 14.04 24.09 20.52
N ARG B 229 13.35 24.21 19.38
CA ARG B 229 12.91 23.05 18.59
C ARG B 229 13.10 23.31 17.10
N MET B 230 13.28 22.24 16.32
CA MET B 230 13.40 22.39 14.86
C MET B 230 12.13 22.98 14.24
N GLU B 231 12.30 23.84 13.24
CA GLU B 231 11.17 24.51 12.60
C GLU B 231 10.50 23.63 11.56
N ARG B 232 9.31 24.03 11.12
CA ARG B 232 8.53 23.23 10.16
C ARG B 232 9.19 23.22 8.77
N PRO B 233 9.44 22.01 8.23
CA PRO B 233 10.03 21.88 6.89
C PRO B 233 9.11 22.39 5.80
N GLU B 234 9.70 22.88 4.71
CA GLU B 234 8.93 23.36 3.58
C GLU B 234 8.09 22.23 2.99
N GLY B 235 6.79 22.48 2.83
CA GLY B 235 5.89 21.48 2.27
C GLY B 235 5.22 20.58 3.30
N CYS B 236 5.65 20.69 4.56
CA CYS B 236 5.10 19.85 5.62
C CYS B 236 3.77 20.42 6.12
N PRO B 237 2.69 19.62 6.03
CA PRO B 237 1.35 20.04 6.48
C PRO B 237 1.31 20.36 7.97
N GLU B 238 0.44 21.29 8.36
CA GLU B 238 0.45 21.83 9.71
C GLU B 238 0.14 20.79 10.78
N LYS B 239 -0.79 19.89 10.50
CA LYS B 239 -1.20 18.85 11.46
C LYS B 239 -0.04 17.91 11.79
N VAL B 240 0.73 17.55 10.77
CA VAL B 240 1.89 16.71 10.94
C VAL B 240 2.91 17.39 11.85
N TYR B 241 3.17 18.67 11.60
CA TYR B 241 4.13 19.42 12.41
C TYR B 241 3.64 19.53 13.87
N GLU B 242 2.34 19.68 14.05
CA GLU B 242 1.74 19.68 15.38
C GLU B 242 2.02 18.36 16.11
N LEU B 243 1.93 17.25 15.38
CA LEU B 243 2.28 15.95 15.96
C LEU B 243 3.77 15.86 16.34
N MET B 244 4.64 16.34 15.44
CA MET B 244 6.07 16.45 15.75
C MET B 244 6.31 17.17 17.07
N ARG B 245 5.69 18.34 17.20
CA ARG B 245 5.90 19.17 18.39
C ARG B 245 5.35 18.48 19.64
N ALA B 246 4.25 17.73 19.49
CA ALA B 246 3.73 16.97 20.62
C ALA B 246 4.75 15.89 21.06
N CYS B 247 5.41 15.25 20.10
CA CYS B 247 6.43 14.25 20.41
C CYS B 247 7.63 14.83 21.17
N TRP B 248 7.87 16.13 21.03
CA TRP B 248 9.04 16.80 21.62
C TRP B 248 8.70 17.59 22.90
N GLN B 249 7.65 17.19 23.62
CA GLN B 249 7.36 17.77 24.92
C GLN B 249 8.47 17.46 25.93
N TRP B 250 8.89 18.46 26.69
CA TRP B 250 9.96 18.29 27.67
C TRP B 250 9.64 17.18 28.71
N ASN B 251 8.44 17.22 29.27
CA ASN B 251 8.00 16.21 30.26
C ASN B 251 7.47 14.97 29.55
N PRO B 252 8.13 13.81 29.75
CA PRO B 252 7.77 12.55 29.08
C PRO B 252 6.27 12.21 29.17
N SER B 253 5.65 12.50 30.31
CA SER B 253 4.25 12.11 30.49
C SER B 253 3.31 13.00 29.69
N ASP B 254 3.82 14.12 29.16
CA ASP B 254 3.00 14.99 28.30
C ASP B 254 3.03 14.59 26.82
N ARG B 255 3.90 13.65 26.46
CA ARG B 255 3.99 13.17 25.08
C ARG B 255 2.88 12.15 24.82
N PRO B 256 2.36 12.08 23.58
CA PRO B 256 1.29 11.12 23.26
C PRO B 256 1.79 9.66 23.22
N SER B 257 0.87 8.72 23.37
CA SER B 257 1.21 7.29 23.23
C SER B 257 1.25 6.91 21.75
N PHE B 258 1.81 5.75 21.43
CA PHE B 258 1.87 5.32 20.04
C PHE B 258 0.49 4.91 19.49
N ALA B 259 -0.44 4.55 20.38
CA ALA B 259 -1.80 4.22 19.96
C ALA B 259 -2.49 5.45 19.36
N GLU B 260 -2.36 6.56 20.07
CA GLU B 260 -2.88 7.86 19.63
C GLU B 260 -2.24 8.32 18.31
N ILE B 261 -0.92 8.23 18.25
CA ILE B 261 -0.14 8.63 17.07
C ILE B 261 -0.57 7.83 15.84
N HIS B 262 -0.62 6.51 16.00
CA HIS B 262 -1.06 5.64 14.91
C HIS B 262 -2.47 5.99 14.45
N GLN B 263 -3.39 6.22 15.40
CA GLN B 263 -4.76 6.57 15.03
C GLN B 263 -4.80 7.87 14.19
N ALA B 264 -4.04 8.88 14.63
CA ALA B 264 -4.00 10.16 13.92
C ALA B 264 -3.48 10.01 12.47
N PHE B 265 -2.36 9.31 12.33
CA PHE B 265 -1.78 9.15 10.99
C PHE B 265 -2.66 8.28 10.09
N GLU B 266 -3.29 7.27 10.68
CA GLU B 266 -4.20 6.41 9.92
C GLU B 266 -5.36 7.23 9.35
N THR B 267 -5.96 8.07 10.19
CA THR B 267 -7.05 8.93 9.72
C THR B 267 -6.59 9.85 8.59
N MET B 268 -5.49 10.57 8.81
CA MET B 268 -4.99 11.48 7.76
C MET B 268 -4.70 10.76 6.45
N PHE B 269 -4.12 9.56 6.53
CA PHE B 269 -3.80 8.76 5.36
C PHE B 269 -5.05 8.31 4.60
N GLN B 270 -6.07 7.84 5.33
CA GLN B 270 -7.29 7.37 4.68
C GLN B 270 -8.08 8.51 4.05
N GLU B 271 -7.96 9.72 4.61
CA GLU B 271 -8.68 10.87 4.06
C GLU B 271 -7.99 11.46 2.82
N SER B 272 -6.77 11.02 2.55
CA SER B 272 -5.99 11.54 1.42
C SER B 272 -5.99 10.56 0.25
#